data_2PWV
#
_entry.id   2PWV
#
_cell.length_a   90.757
_cell.length_b   65.175
_cell.length_c   70.455
_cell.angle_alpha   90.00
_cell.angle_beta   96.12
_cell.angle_gamma   90.00
#
_symmetry.space_group_name_H-M   'C 1 2 1'
#
loop_
_entity.id
_entity.type
_entity.pdbx_description
1 polymer 'Queuine tRNA-ribosyltransferase'
2 non-polymer 'ZINC ION'
3 non-polymer 2-AMINO-4-OXO-4,7-DIHYDRO-3H-PYRROLO[2,3-D]PYRIMIDINE-5-CARBONITRILE
4 non-polymer GLYCEROL
5 water water
#
_entity_poly.entity_id   1
_entity_poly.type   'polypeptide(L)'
_entity_poly.pdbx_seq_one_letter_code
;MVEATAQETDRPRFSFSIAAREGKARTGTIEMKRGVIRTPAFMPVGTAATVKALKPETVRATGADIILGNTYHLMLRPGA
ERIAKLGGLHSFMGWDRPILTDSGGYQVMSLSSLTKQSEEGVTFKSHLDGSRHMLSPERSIEIQHLLGSDIVMAFDECTP
YPATPSRAASSMERSMRWAKRSRDAFDSRKEQAENAALFGIQQGSVFENLRQQSADALAEIGFDGYAVGGLAVGQGQDEM
FRVLDFSVPMLPDDKPHYLMGVGKPDDIVGAVERGIDMFDCVLPTRSGRNGQAFTWDGPINIRNARFSEDLKPLDSECHC
AVCQKWSRAYIHHLIRAGEILGAMLMTEHNIAFYQQLMQKIRDSISEGRFSQFAQDFRARYFARNS
;
_entity_poly.pdbx_strand_id   A
#
loop_
_chem_comp.id
_chem_comp.type
_chem_comp.name
_chem_comp.formula
GOL non-polymer GLYCEROL 'C3 H8 O3'
PQ0 non-polymer 2-AMINO-4-OXO-4,7-DIHYDRO-3H-PYRROLO[2,3-D]PYRIMIDINE-5-CARBONITRILE 'C7 H5 N5 O'
ZN non-polymer 'ZINC ION' 'Zn 2'
#
# COMPACT_ATOMS: atom_id res chain seq x y z
N ARG A 11 -17.48 7.33 14.98
CA ARG A 11 -16.06 7.39 14.66
C ARG A 11 -15.76 8.75 14.01
N PRO A 12 -14.60 9.31 14.30
CA PRO A 12 -14.18 10.54 13.63
C PRO A 12 -13.92 10.29 12.15
N ARG A 13 -13.87 11.42 11.44
CA ARG A 13 -13.40 11.45 10.06
C ARG A 13 -12.00 10.84 10.00
N PHE A 14 -11.18 11.23 10.98
CA PHE A 14 -9.78 10.78 10.99
C PHE A 14 -9.12 11.04 12.34
N SER A 15 -8.61 9.97 12.95
CA SER A 15 -7.86 10.06 14.19
C SER A 15 -6.77 9.00 14.26
N PHE A 16 -5.53 9.38 14.19
CA PHE A 16 -4.39 8.48 14.33
C PHE A 16 -3.82 8.63 15.73
N SER A 17 -3.71 7.48 16.40
CA SER A 17 -3.24 7.39 17.75
C SER A 17 -2.18 6.29 17.89
N ILE A 18 -1.05 6.71 18.51
CA ILE A 18 0.03 5.74 18.69
C ILE A 18 -0.01 5.12 20.07
N ALA A 19 -0.12 3.81 20.17
CA ALA A 19 -0.26 3.13 21.45
C ALA A 19 1.08 2.70 22.03
N ALA A 20 2.05 2.46 21.14
CA ALA A 20 3.33 1.98 21.63
C ALA A 20 4.39 2.25 20.56
N ARG A 21 5.61 2.35 21.08
CA ARG A 21 6.79 2.64 20.29
CA ARG A 21 6.80 2.65 20.32
C ARG A 21 7.99 1.79 20.72
N GLU A 22 8.90 1.59 19.77
CA GLU A 22 10.18 0.93 19.99
C GLU A 22 11.15 1.46 18.93
N GLY A 23 12.14 2.23 19.39
CA GLY A 23 13.00 2.86 18.41
C GLY A 23 12.21 3.75 17.49
N LYS A 24 12.43 3.64 16.18
CA LYS A 24 11.61 4.47 15.28
C LYS A 24 10.24 3.88 15.00
N ALA A 25 10.01 2.65 15.47
CA ALA A 25 8.81 1.92 15.12
C ALA A 25 7.62 2.32 15.97
N ARG A 26 6.43 2.25 15.37
CA ARG A 26 5.21 2.67 16.03
C ARG A 26 4.11 1.67 15.74
N THR A 27 3.24 1.50 16.73
CA THR A 27 2.01 0.75 16.54
C THR A 27 0.84 1.52 17.17
N GLY A 28 -0.29 1.49 16.48
CA GLY A 28 -1.49 2.20 16.83
C GLY A 28 -2.66 1.94 15.90
N THR A 29 -3.54 2.93 15.81
CA THR A 29 -4.73 2.83 15.01
C THR A 29 -5.05 4.15 14.30
N ILE A 30 -5.70 3.97 13.15
CA ILE A 30 -6.39 5.04 12.45
C ILE A 30 -7.89 4.77 12.48
N GLU A 31 -8.60 5.68 13.16
CA GLU A 31 -10.04 5.63 13.21
C GLU A 31 -10.58 6.57 12.11
N MET A 32 -11.51 6.03 11.34
CA MET A 32 -12.22 6.63 10.24
C MET A 32 -13.70 6.22 10.29
N LYS A 33 -14.54 6.95 9.55
CA LYS A 33 -15.97 6.67 9.65
C LYS A 33 -16.33 5.24 9.29
N ARG A 34 -15.62 4.69 8.32
CA ARG A 34 -15.87 3.34 7.83
C ARG A 34 -15.16 2.28 8.65
N GLY A 35 -14.37 2.65 9.66
CA GLY A 35 -13.75 1.66 10.51
C GLY A 35 -12.35 1.98 10.96
N VAL A 36 -11.78 1.09 11.76
CA VAL A 36 -10.44 1.16 12.33
C VAL A 36 -9.43 0.37 11.51
N ILE A 37 -8.28 0.99 11.31
CA ILE A 37 -7.08 0.51 10.66
C ILE A 37 -5.97 0.36 11.69
N ARG A 38 -5.58 -0.89 11.92
CA ARG A 38 -4.45 -1.14 12.79
C ARG A 38 -3.12 -0.89 12.11
N THR A 39 -2.25 -0.22 12.88
CA THR A 39 -0.97 0.08 12.23
C THR A 39 0.20 -0.52 12.99
N PRO A 40 1.30 -0.87 12.33
CA PRO A 40 1.51 -0.92 10.89
C PRO A 40 0.56 -1.84 10.11
N ALA A 41 0.11 -1.30 8.99
CA ALA A 41 -0.91 -1.87 8.14
C ALA A 41 -0.42 -2.26 6.74
N PHE A 42 -0.93 -3.38 6.25
CA PHE A 42 -0.78 -3.80 4.88
C PHE A 42 -2.12 -3.72 4.14
N MET A 43 -2.13 -2.97 3.05
CA MET A 43 -3.32 -2.82 2.23
C MET A 43 -3.27 -3.62 0.92
N PRO A 44 -4.10 -4.64 0.82
CA PRO A 44 -4.22 -5.40 -0.44
C PRO A 44 -4.64 -4.46 -1.56
N VAL A 45 -4.10 -4.74 -2.74
CA VAL A 45 -4.33 -3.88 -3.86
C VAL A 45 -5.46 -4.49 -4.70
N GLY A 46 -6.43 -3.64 -5.03
CA GLY A 46 -7.56 -4.05 -5.87
C GLY A 46 -7.68 -3.14 -7.08
N THR A 47 -7.26 -3.58 -8.27
CA THR A 47 -7.07 -2.57 -9.31
C THR A 47 -8.34 -2.31 -10.14
N ALA A 48 -9.12 -3.31 -10.53
CA ALA A 48 -10.32 -2.97 -11.30
C ALA A 48 -11.57 -3.28 -10.49
N ALA A 49 -11.68 -2.61 -9.34
CA ALA A 49 -12.76 -2.76 -8.38
C ALA A 49 -12.82 -4.18 -7.82
N THR A 50 -11.68 -4.86 -7.75
CA THR A 50 -11.58 -6.21 -7.20
C THR A 50 -10.16 -6.47 -6.68
N VAL A 51 -9.98 -7.07 -5.51
CA VAL A 51 -8.76 -7.74 -5.12
C VAL A 51 -8.74 -9.10 -5.83
N LYS A 52 -7.87 -9.28 -6.81
CA LYS A 52 -7.97 -10.30 -7.84
C LYS A 52 -8.15 -11.68 -7.22
N ALA A 53 -9.17 -12.38 -7.71
CA ALA A 53 -9.50 -13.74 -7.34
C ALA A 53 -10.00 -13.85 -5.90
N LEU A 54 -10.36 -12.74 -5.24
CA LEU A 54 -10.93 -12.88 -3.90
C LEU A 54 -12.23 -12.08 -3.75
N LYS A 55 -13.22 -12.72 -3.14
CA LYS A 55 -14.38 -12.03 -2.61
C LYS A 55 -13.97 -11.10 -1.47
N PRO A 56 -14.59 -9.93 -1.40
CA PRO A 56 -14.38 -8.98 -0.32
C PRO A 56 -14.37 -9.62 1.06
N GLU A 57 -15.26 -10.56 1.29
CA GLU A 57 -15.40 -11.20 2.60
C GLU A 57 -14.15 -12.01 2.93
N THR A 58 -13.58 -12.62 1.89
CA THR A 58 -12.34 -13.37 1.99
C THR A 58 -11.18 -12.43 2.33
N VAL A 59 -11.09 -11.31 1.63
CA VAL A 59 -10.15 -10.26 1.93
C VAL A 59 -10.20 -9.86 3.41
N ARG A 60 -11.38 -9.62 3.94
CA ARG A 60 -11.58 -9.27 5.34
C ARG A 60 -11.19 -10.41 6.27
N ALA A 61 -11.50 -11.64 5.86
CA ALA A 61 -11.17 -12.77 6.72
C ALA A 61 -9.68 -12.97 6.90
N THR A 62 -8.87 -12.61 5.90
CA THR A 62 -7.43 -12.66 6.07
C THR A 62 -6.93 -11.66 7.12
N GLY A 63 -7.69 -10.64 7.44
CA GLY A 63 -7.29 -9.65 8.43
C GLY A 63 -7.16 -8.22 7.95
N ALA A 64 -7.39 -7.98 6.66
CA ALA A 64 -7.27 -6.64 6.10
C ALA A 64 -8.35 -5.69 6.65
N ASP A 65 -7.92 -4.51 7.03
CA ASP A 65 -8.68 -3.41 7.59
C ASP A 65 -9.05 -2.39 6.52
N ILE A 66 -8.23 -2.39 5.47
CA ILE A 66 -8.31 -1.39 4.41
C ILE A 66 -7.63 -1.98 3.17
N ILE A 67 -8.18 -1.58 2.04
CA ILE A 67 -7.68 -1.98 0.72
C ILE A 67 -7.38 -0.73 -0.10
N LEU A 68 -6.61 -0.91 -1.17
CA LEU A 68 -6.22 0.22 -2.00
C LEU A 68 -7.00 0.13 -3.30
N GLY A 69 -7.58 1.21 -3.82
CA GLY A 69 -8.17 1.17 -5.15
C GLY A 69 -7.41 2.08 -6.08
N ASN A 70 -7.51 1.98 -7.41
CA ASN A 70 -6.64 2.75 -8.30
C ASN A 70 -7.42 3.77 -9.12
N THR A 71 -7.04 5.06 -9.04
CA THR A 71 -7.70 6.13 -9.77
C THR A 71 -7.62 5.90 -11.28
N TYR A 72 -6.41 5.73 -11.77
CA TYR A 72 -6.10 5.54 -13.19
C TYR A 72 -6.95 4.45 -13.83
N HIS A 73 -7.00 3.26 -13.24
CA HIS A 73 -7.73 2.13 -13.79
C HIS A 73 -9.24 2.30 -13.81
N LEU A 74 -9.85 2.66 -12.69
CA LEU A 74 -11.30 2.76 -12.64
C LEU A 74 -11.85 3.89 -13.50
N MET A 75 -11.08 4.95 -13.63
CA MET A 75 -11.49 6.09 -14.44
C MET A 75 -11.63 5.68 -15.89
N LEU A 76 -10.75 4.77 -16.28
CA LEU A 76 -10.77 4.18 -17.62
C LEU A 76 -11.88 3.14 -17.73
N ARG A 77 -11.92 2.18 -16.80
CA ARG A 77 -12.94 1.14 -16.78
C ARG A 77 -13.32 0.78 -15.36
N PRO A 78 -14.56 0.93 -14.92
CA PRO A 78 -15.74 1.29 -15.68
C PRO A 78 -16.10 2.78 -15.80
N GLY A 79 -15.28 3.69 -15.26
CA GLY A 79 -15.59 5.11 -15.34
C GLY A 79 -16.04 5.63 -13.98
N ALA A 80 -15.53 6.79 -13.57
CA ALA A 80 -15.72 7.32 -12.23
C ALA A 80 -17.15 7.81 -12.02
N GLU A 81 -17.59 8.54 -13.02
CA GLU A 81 -18.98 8.98 -13.01
C GLU A 81 -19.94 7.80 -12.95
N ARG A 82 -19.65 6.74 -13.71
CA ARG A 82 -20.52 5.57 -13.68
C ARG A 82 -20.57 4.95 -12.29
N ILE A 83 -19.40 4.77 -11.68
CA ILE A 83 -19.39 4.18 -10.33
C ILE A 83 -20.14 5.07 -9.36
N ALA A 84 -20.01 6.40 -9.46
CA ALA A 84 -20.74 7.27 -8.54
C ALA A 84 -22.25 7.09 -8.69
N LYS A 85 -22.69 6.99 -9.94
CA LYS A 85 -24.08 6.79 -10.29
C LYS A 85 -24.63 5.52 -9.68
N LEU A 86 -23.75 4.52 -9.71
CA LEU A 86 -24.14 3.24 -9.14
C LEU A 86 -23.95 3.15 -7.63
N GLY A 87 -23.52 4.21 -6.94
CA GLY A 87 -23.52 4.13 -5.49
C GLY A 87 -22.15 4.25 -4.88
N GLY A 88 -21.13 4.31 -5.74
CA GLY A 88 -19.79 4.45 -5.22
C GLY A 88 -19.04 3.13 -5.16
N LEU A 89 -17.72 3.16 -4.98
CA LEU A 89 -16.85 1.98 -5.11
C LEU A 89 -17.21 0.96 -4.04
N HIS A 90 -17.55 1.43 -2.84
CA HIS A 90 -17.81 0.52 -1.73
C HIS A 90 -19.01 -0.38 -2.06
N SER A 91 -20.11 0.21 -2.49
CA SER A 91 -21.34 -0.49 -2.80
C SER A 91 -21.09 -1.36 -4.03
N PHE A 92 -20.51 -0.77 -5.06
CA PHE A 92 -20.20 -1.48 -6.31
C PHE A 92 -19.48 -2.80 -6.06
N MET A 93 -18.34 -2.79 -5.38
CA MET A 93 -17.51 -3.99 -5.17
C MET A 93 -17.85 -4.78 -3.93
N GLY A 94 -18.71 -4.31 -3.03
CA GLY A 94 -18.95 -5.14 -1.86
C GLY A 94 -17.92 -5.00 -0.74
N TRP A 95 -17.15 -3.93 -0.65
CA TRP A 95 -16.24 -3.66 0.48
C TRP A 95 -16.76 -2.42 1.20
N ASP A 96 -17.25 -2.62 2.41
CA ASP A 96 -17.83 -1.51 3.19
C ASP A 96 -16.87 -0.85 4.17
N ARG A 97 -15.61 -1.22 4.20
CA ARG A 97 -14.57 -0.71 5.08
C ARG A 97 -13.71 0.38 4.42
N PRO A 98 -12.75 1.01 5.05
CA PRO A 98 -11.99 2.05 4.35
C PRO A 98 -11.34 1.59 3.05
N ILE A 99 -11.23 2.55 2.17
CA ILE A 99 -10.47 2.46 0.94
C ILE A 99 -9.60 3.70 0.72
N LEU A 100 -8.34 3.44 0.44
CA LEU A 100 -7.33 4.37 0.02
C LEU A 100 -7.28 4.27 -1.51
N THR A 101 -7.42 5.43 -2.16
CA THR A 101 -7.27 5.44 -3.62
C THR A 101 -5.97 6.12 -4.03
N ASP A 102 -5.19 5.50 -4.94
CA ASP A 102 -4.01 6.27 -5.39
C ASP A 102 -4.52 7.34 -6.37
N SER A 103 -3.71 8.34 -6.64
CA SER A 103 -4.13 9.53 -7.37
C SER A 103 -4.13 9.35 -8.88
N GLY A 104 -3.47 8.32 -9.38
CA GLY A 104 -3.43 8.04 -10.80
C GLY A 104 -2.13 8.32 -11.52
N GLY A 105 -1.40 9.39 -11.19
CA GLY A 105 -0.20 9.75 -11.92
C GLY A 105 0.91 8.73 -11.90
N TYR A 106 0.76 7.66 -11.12
CA TYR A 106 1.79 6.61 -11.03
C TYR A 106 1.63 5.62 -12.18
N GLN A 107 0.43 5.06 -12.27
CA GLN A 107 0.09 4.16 -13.37
C GLN A 107 0.05 4.89 -14.69
N VAL A 108 -0.35 6.16 -14.70
CA VAL A 108 -0.28 6.89 -15.97
C VAL A 108 1.16 6.87 -16.47
N MET A 109 2.11 7.22 -15.60
CA MET A 109 3.52 7.17 -15.99
C MET A 109 3.97 5.76 -16.34
N SER A 110 3.32 4.71 -15.85
CA SER A 110 3.87 3.38 -16.14
C SER A 110 3.06 2.61 -17.17
N LEU A 111 1.74 2.75 -17.15
CA LEU A 111 0.87 1.96 -18.00
C LEU A 111 0.62 2.63 -19.34
N LYS A 116 1.32 13.17 -22.32
CA LYS A 116 1.42 14.63 -22.48
C LYS A 116 1.45 15.34 -21.11
N GLN A 117 2.64 15.68 -20.68
CA GLN A 117 2.99 16.19 -19.37
C GLN A 117 3.23 17.69 -19.32
N SER A 118 2.40 18.38 -18.53
CA SER A 118 2.55 19.81 -18.29
C SER A 118 2.23 20.18 -16.84
N GLU A 119 2.38 21.48 -16.55
CA GLU A 119 2.14 22.10 -15.26
C GLU A 119 0.67 21.91 -14.86
N GLU A 120 -0.23 21.81 -15.82
CA GLU A 120 -1.64 21.60 -15.60
C GLU A 120 -2.02 20.19 -15.13
N GLY A 121 -1.36 19.21 -15.69
CA GLY A 121 -1.44 17.80 -15.35
C GLY A 121 -0.90 16.93 -16.47
N VAL A 122 -1.69 15.93 -16.87
CA VAL A 122 -1.28 15.08 -17.97
C VAL A 122 -2.45 14.54 -18.77
N THR A 123 -2.24 14.57 -20.09
CA THR A 123 -3.20 13.99 -21.00
C THR A 123 -2.57 12.70 -21.55
N PHE A 124 -3.37 11.65 -21.61
CA PHE A 124 -2.85 10.35 -22.04
C PHE A 124 -3.87 9.56 -22.85
N LYS A 125 -3.41 8.48 -23.47
CA LYS A 125 -4.23 7.55 -24.23
C LYS A 125 -4.38 6.21 -23.50
N MET A 134 -7.14 13.02 -19.69
CA MET A 134 -6.69 14.06 -18.78
C MET A 134 -6.70 13.63 -17.31
N LEU A 135 -5.58 13.92 -16.65
CA LEU A 135 -5.46 13.93 -15.22
C LEU A 135 -4.63 15.16 -14.79
N SER A 136 -5.20 15.93 -13.88
CA SER A 136 -4.67 17.04 -13.13
C SER A 136 -4.98 16.82 -11.65
N PRO A 137 -4.33 17.58 -10.77
CA PRO A 137 -4.70 17.51 -9.35
C PRO A 137 -6.21 17.66 -9.19
N GLU A 138 -6.80 18.65 -9.84
CA GLU A 138 -8.25 18.82 -9.63
C GLU A 138 -9.08 17.62 -10.06
N ARG A 139 -8.91 16.96 -11.18
CA ARG A 139 -9.67 15.85 -11.73
C ARG A 139 -9.42 14.61 -10.90
N SER A 140 -8.16 14.38 -10.55
CA SER A 140 -7.77 13.29 -9.65
C SER A 140 -8.57 13.33 -8.34
N ILE A 141 -8.55 14.49 -7.70
CA ILE A 141 -9.26 14.66 -6.44
C ILE A 141 -10.75 14.43 -6.71
N GLU A 142 -11.30 14.88 -7.84
CA GLU A 142 -12.71 14.65 -8.13
C GLU A 142 -13.07 13.19 -8.41
N ILE A 143 -12.27 12.48 -9.16
CA ILE A 143 -12.46 11.05 -9.41
C ILE A 143 -12.51 10.30 -8.11
N GLN A 144 -11.58 10.61 -7.20
CA GLN A 144 -11.47 9.92 -5.91
C GLN A 144 -12.73 10.17 -5.08
N HIS A 145 -13.20 11.41 -5.16
CA HIS A 145 -14.49 11.75 -4.58
C HIS A 145 -15.62 10.91 -5.19
N LEU A 146 -15.66 10.83 -6.52
CA LEU A 146 -16.73 10.13 -7.24
C LEU A 146 -16.74 8.67 -6.80
N LEU A 147 -15.56 8.09 -6.66
CA LEU A 147 -15.39 6.75 -6.17
C LEU A 147 -15.85 6.54 -4.73
N GLY A 148 -15.96 7.59 -3.94
CA GLY A 148 -16.22 7.57 -2.51
C GLY A 148 -15.01 7.17 -1.66
N SER A 149 -13.79 7.52 -2.04
CA SER A 149 -12.57 7.13 -1.32
C SER A 149 -12.55 7.63 0.12
N ASP A 150 -11.94 6.89 1.03
CA ASP A 150 -11.77 7.31 2.43
C ASP A 150 -10.43 8.03 2.63
N ILE A 151 -9.38 7.54 2.00
CA ILE A 151 -8.08 8.22 2.05
C ILE A 151 -7.69 8.55 0.61
N VAL A 152 -7.77 9.81 0.28
CA VAL A 152 -7.42 10.48 -0.96
C VAL A 152 -5.92 10.80 -0.98
N MET A 153 -5.25 10.38 -2.06
CA MET A 153 -3.85 10.66 -2.27
C MET A 153 -3.71 11.94 -3.11
N ALA A 154 -2.81 12.81 -2.67
CA ALA A 154 -2.44 13.97 -3.48
C ALA A 154 -1.99 13.53 -4.88
N PHE A 155 -2.22 14.36 -5.88
CA PHE A 155 -1.72 14.05 -7.22
C PHE A 155 -0.29 14.58 -7.38
N ASP A 156 0.60 13.66 -7.72
CA ASP A 156 2.02 13.88 -7.83
C ASP A 156 2.51 13.47 -9.22
N GLU A 157 3.75 13.89 -9.45
CA GLU A 157 4.62 13.49 -10.54
C GLU A 157 5.61 12.47 -9.99
N CYS A 158 5.43 11.21 -10.35
CA CYS A 158 6.40 10.24 -9.80
C CYS A 158 7.76 10.52 -10.42
N THR A 159 8.88 10.21 -9.78
CA THR A 159 10.18 10.52 -10.35
C THR A 159 10.94 9.25 -10.72
N PRO A 160 11.39 9.07 -11.95
CA PRO A 160 12.06 7.81 -12.32
C PRO A 160 13.33 7.62 -11.52
N TYR A 161 13.75 6.37 -11.38
CA TYR A 161 15.01 6.04 -10.75
C TYR A 161 15.92 5.31 -11.72
N PRO A 162 17.17 5.73 -11.85
CA PRO A 162 17.74 6.91 -11.25
C PRO A 162 17.31 8.19 -11.99
N ALA A 163 17.58 9.31 -11.32
CA ALA A 163 17.27 10.66 -11.72
C ALA A 163 18.37 11.64 -11.37
N THR A 164 18.61 12.59 -12.29
CA THR A 164 19.65 13.55 -11.90
C THR A 164 19.05 14.53 -10.89
N PRO A 165 19.90 15.11 -10.08
CA PRO A 165 19.41 16.04 -9.05
C PRO A 165 18.53 17.14 -9.62
N SER A 166 18.86 17.62 -10.83
CA SER A 166 18.11 18.76 -11.35
C SER A 166 16.68 18.39 -11.71
N ARG A 167 16.49 17.30 -12.42
CA ARG A 167 15.24 16.65 -12.77
C ARG A 167 14.46 16.22 -11.53
N ALA A 168 15.16 15.64 -10.56
CA ALA A 168 14.49 15.27 -9.30
C ALA A 168 13.97 16.54 -8.62
N ALA A 169 14.76 17.60 -8.62
CA ALA A 169 14.37 18.87 -8.00
C ALA A 169 13.15 19.49 -8.67
N SER A 170 13.22 19.52 -10.01
CA SER A 170 12.13 20.02 -10.84
C SER A 170 10.87 19.20 -10.57
N SER A 171 10.98 17.89 -10.53
CA SER A 171 9.80 17.03 -10.38
C SER A 171 9.20 17.16 -9.00
N MET A 172 10.14 17.19 -8.03
CA MET A 172 9.70 17.41 -6.65
C MET A 172 8.95 18.71 -6.50
N GLU A 173 9.47 19.79 -7.07
CA GLU A 173 8.85 21.10 -6.93
C GLU A 173 7.46 21.14 -7.53
N ARG A 174 7.30 20.48 -8.68
CA ARG A 174 5.99 20.42 -9.31
C ARG A 174 5.00 19.72 -8.39
N SER A 175 5.48 18.60 -7.85
CA SER A 175 4.69 17.78 -6.95
C SER A 175 4.21 18.58 -5.76
N MET A 176 5.09 19.46 -5.25
CA MET A 176 4.70 20.31 -4.11
C MET A 176 3.68 21.35 -4.55
N ARG A 177 3.81 21.91 -5.76
CA ARG A 177 2.75 22.75 -6.31
C ARG A 177 1.47 21.97 -6.55
N TRP A 178 1.59 20.76 -7.10
CA TRP A 178 0.40 19.91 -7.25
C TRP A 178 -0.17 19.50 -5.91
N ALA A 179 0.65 19.32 -4.87
CA ALA A 179 0.17 19.01 -3.52
C ALA A 179 -0.74 20.09 -2.95
N LYS A 180 -0.36 21.34 -3.13
CA LYS A 180 -1.13 22.51 -2.70
C LYS A 180 -2.46 22.57 -3.45
N ARG A 181 -2.40 22.28 -4.74
CA ARG A 181 -3.62 22.24 -5.56
C ARG A 181 -4.60 21.12 -5.17
N SER A 182 -4.03 19.97 -4.80
CA SER A 182 -4.77 18.83 -4.30
C SER A 182 -5.50 19.19 -2.99
N ARG A 183 -4.74 19.78 -2.08
CA ARG A 183 -5.19 20.25 -0.78
C ARG A 183 -6.40 21.16 -0.94
N ASP A 184 -6.23 22.20 -1.76
CA ASP A 184 -7.37 23.08 -2.02
C ASP A 184 -8.55 22.45 -2.75
N ALA A 185 -8.38 21.54 -3.71
CA ALA A 185 -9.54 20.93 -4.39
C ALA A 185 -10.31 20.08 -3.40
N PHE A 186 -9.56 19.29 -2.64
CA PHE A 186 -10.19 18.53 -1.55
C PHE A 186 -11.02 19.39 -0.59
N ASP A 187 -10.46 20.42 -0.02
CA ASP A 187 -11.02 21.34 0.96
C ASP A 187 -12.27 22.06 0.45
N SER A 188 -12.34 22.23 -0.86
CA SER A 188 -13.41 22.94 -1.52
C SER A 188 -14.69 22.11 -1.59
N ARG A 189 -14.55 20.80 -1.54
CA ARG A 189 -15.67 19.88 -1.62
C ARG A 189 -16.09 19.44 -0.23
N LYS A 190 -17.11 20.11 0.30
CA LYS A 190 -17.44 19.97 1.70
C LYS A 190 -17.69 18.50 2.05
N GLU A 191 -18.42 17.79 1.21
CA GLU A 191 -18.71 16.39 1.51
C GLU A 191 -17.44 15.57 1.64
N GLN A 192 -16.52 15.74 0.71
CA GLN A 192 -15.22 15.10 0.76
C GLN A 192 -14.39 15.53 1.98
N ALA A 193 -14.28 16.81 2.22
CA ALA A 193 -13.43 17.28 3.34
C ALA A 193 -13.98 16.86 4.70
N GLU A 194 -15.29 16.64 4.80
CA GLU A 194 -15.88 16.33 6.10
C GLU A 194 -15.90 14.84 6.35
N ASN A 195 -15.66 14.06 5.31
CA ASN A 195 -15.81 12.61 5.46
C ASN A 195 -14.62 11.75 5.14
N ALA A 196 -13.70 12.28 4.34
CA ALA A 196 -12.47 11.67 3.94
C ALA A 196 -11.24 12.35 4.55
N ALA A 197 -10.09 11.73 4.28
CA ALA A 197 -8.77 12.23 4.65
C ALA A 197 -7.93 12.39 3.37
N LEU A 198 -6.88 13.19 3.52
CA LEU A 198 -6.00 13.56 2.43
C LEU A 198 -4.55 13.35 2.82
N PHE A 199 -3.81 12.59 2.04
CA PHE A 199 -2.39 12.39 2.35
C PHE A 199 -1.52 13.05 1.28
N GLY A 200 -0.42 13.64 1.69
CA GLY A 200 0.51 14.27 0.74
C GLY A 200 1.62 13.26 0.48
N ILE A 201 2.34 13.41 -0.64
CA ILE A 201 3.38 12.47 -0.96
C ILE A 201 4.74 13.14 -1.11
N GLN A 202 5.70 12.63 -0.35
CA GLN A 202 7.06 13.11 -0.45
C GLN A 202 7.78 12.44 -1.62
N GLN A 203 8.55 13.21 -2.33
CA GLN A 203 9.35 13.00 -3.52
C GLN A 203 10.73 13.57 -3.24
N GLY A 204 11.58 13.71 -4.24
CA GLY A 204 12.95 14.12 -4.12
C GLY A 204 13.95 13.02 -4.45
N SER A 205 13.49 11.95 -5.08
CA SER A 205 14.35 10.81 -5.42
C SER A 205 15.07 10.31 -4.18
N VAL A 206 16.39 10.13 -4.26
CA VAL A 206 17.18 9.70 -3.13
C VAL A 206 18.05 10.78 -2.52
N PHE A 207 17.74 12.05 -2.75
CA PHE A 207 18.57 13.17 -2.30
C PHE A 207 18.05 13.84 -1.03
N GLU A 208 18.87 13.80 0.02
CA GLU A 208 18.40 14.24 1.33
C GLU A 208 17.87 15.67 1.31
N ASN A 209 18.55 16.55 0.59
CA ASN A 209 18.12 17.96 0.58
C ASN A 209 16.76 18.10 -0.07
N LEU A 210 16.56 17.46 -1.21
CA LEU A 210 15.24 17.53 -1.84
C LEU A 210 14.16 16.89 -0.97
N ARG A 211 14.52 15.78 -0.30
CA ARG A 211 13.55 15.15 0.60
C ARG A 211 13.17 16.09 1.74
N GLN A 212 14.13 16.85 2.27
CA GLN A 212 13.87 17.82 3.35
C GLN A 212 12.95 18.91 2.83
N GLN A 213 13.29 19.43 1.65
CA GLN A 213 12.43 20.48 1.09
C GLN A 213 10.99 20.04 0.87
N SER A 214 10.84 18.83 0.33
CA SER A 214 9.51 18.30 0.13
C SER A 214 8.78 18.08 1.45
N ALA A 215 9.47 17.49 2.42
CA ALA A 215 8.77 17.30 3.70
C ALA A 215 8.31 18.63 4.28
N ASP A 216 9.17 19.63 4.23
CA ASP A 216 8.84 20.94 4.80
C ASP A 216 7.64 21.51 4.08
N ALA A 217 7.72 21.50 2.74
CA ALA A 217 6.59 21.99 1.95
C ALA A 217 5.29 21.28 2.29
N LEU A 218 5.33 19.95 2.49
CA LEU A 218 4.09 19.24 2.71
C LEU A 218 3.54 19.55 4.10
N ALA A 219 4.48 19.64 5.05
CA ALA A 219 4.09 19.92 6.44
C ALA A 219 3.50 21.32 6.56
N GLU A 220 4.00 22.25 5.74
CA GLU A 220 3.43 23.61 5.72
C GLU A 220 2.03 23.59 5.13
N ILE A 221 1.81 22.86 4.04
CA ILE A 221 0.41 22.74 3.60
C ILE A 221 -0.45 22.09 4.67
N GLY A 222 0.04 20.98 5.19
CA GLY A 222 -0.66 20.25 6.24
C GLY A 222 -1.56 19.16 5.66
N PHE A 223 -1.31 17.92 6.04
CA PHE A 223 -2.08 16.76 5.61
C PHE A 223 -2.41 15.84 6.80
N ASP A 224 -3.28 14.87 6.53
CA ASP A 224 -3.69 13.92 7.54
C ASP A 224 -2.71 12.77 7.68
N GLY A 225 -1.91 12.64 6.64
CA GLY A 225 -0.92 11.55 6.57
C GLY A 225 0.10 11.89 5.47
N TYR A 226 1.26 11.27 5.54
CA TYR A 226 2.41 11.53 4.65
C TYR A 226 2.96 10.26 4.06
N ALA A 227 2.88 10.20 2.73
CA ALA A 227 3.52 9.08 2.06
C ALA A 227 4.96 9.38 1.69
N VAL A 228 5.75 8.31 1.63
CA VAL A 228 7.07 8.41 1.05
C VAL A 228 7.00 7.87 -0.38
N GLY A 229 6.98 8.79 -1.35
CA GLY A 229 6.77 8.36 -2.73
C GLY A 229 8.14 8.10 -3.34
N GLY A 230 8.15 7.47 -4.51
CA GLY A 230 9.31 7.40 -5.37
C GLY A 230 10.39 6.43 -4.97
N LEU A 231 10.10 5.53 -4.03
CA LEU A 231 11.11 4.58 -3.59
C LEU A 231 10.82 3.15 -4.01
N ALA A 232 9.90 2.93 -4.96
CA ALA A 232 9.57 1.60 -5.42
C ALA A 232 9.68 1.50 -6.94
N VAL A 233 10.62 2.26 -7.51
CA VAL A 233 10.75 2.34 -8.97
C VAL A 233 12.12 1.86 -9.42
N GLY A 234 12.61 0.84 -8.70
CA GLY A 234 13.88 0.25 -9.03
C GLY A 234 14.98 0.34 -8.00
N GLN A 235 14.81 1.07 -6.91
CA GLN A 235 15.83 1.08 -5.88
C GLN A 235 15.92 -0.30 -5.24
N GLY A 236 17.12 -0.81 -4.99
CA GLY A 236 17.34 -2.02 -4.22
C GLY A 236 17.19 -1.73 -2.74
N GLN A 237 17.04 -2.79 -1.93
CA GLN A 237 16.63 -2.57 -0.55
C GLN A 237 17.60 -1.72 0.23
N ASP A 238 18.88 -1.88 -0.09
CA ASP A 238 19.88 -1.09 0.65
C ASP A 238 19.71 0.41 0.44
N GLU A 239 19.68 0.84 -0.81
CA GLU A 239 19.38 2.22 -1.16
C GLU A 239 18.03 2.70 -0.62
N MET A 240 17.00 1.87 -0.76
CA MET A 240 15.71 2.31 -0.19
C MET A 240 15.80 2.57 1.31
N PHE A 241 16.48 1.71 2.07
CA PHE A 241 16.58 1.88 3.52
C PHE A 241 17.37 3.12 3.93
N ARG A 242 18.46 3.36 3.19
CA ARG A 242 19.28 4.52 3.51
C ARG A 242 18.49 5.81 3.30
N VAL A 243 17.64 5.86 2.28
CA VAL A 243 16.81 7.03 2.04
C VAL A 243 15.71 7.16 3.10
N LEU A 244 15.06 6.05 3.45
CA LEU A 244 14.12 6.07 4.57
C LEU A 244 14.81 6.53 5.85
N ASP A 245 16.05 6.10 6.05
CA ASP A 245 16.80 6.46 7.26
C ASP A 245 16.77 7.95 7.58
N PHE A 246 16.93 8.78 6.55
CA PHE A 246 16.88 10.23 6.75
C PHE A 246 15.51 10.84 6.43
N SER A 247 14.75 10.19 5.55
CA SER A 247 13.51 10.79 5.02
C SER A 247 12.38 10.72 6.02
N VAL A 248 12.19 9.58 6.68
CA VAL A 248 11.03 9.52 7.58
C VAL A 248 11.13 10.44 8.77
N PRO A 249 12.25 10.69 9.42
CA PRO A 249 12.20 11.64 10.56
C PRO A 249 11.90 13.07 10.13
N MET A 250 11.93 13.34 8.82
CA MET A 250 11.58 14.70 8.42
C MET A 250 10.06 14.90 8.44
N LEU A 251 9.33 13.79 8.47
CA LEU A 251 7.87 13.91 8.41
C LEU A 251 7.30 14.12 9.81
N PRO A 252 6.19 14.82 9.94
CA PRO A 252 5.58 15.00 11.27
C PRO A 252 5.36 13.64 11.94
N ASP A 253 5.81 13.56 13.18
CA ASP A 253 5.80 12.32 13.94
C ASP A 253 4.39 11.86 14.27
N ASP A 254 3.46 12.77 14.44
CA ASP A 254 2.11 12.42 14.93
C ASP A 254 1.12 12.09 13.82
N LYS A 255 1.61 11.88 12.61
CA LYS A 255 0.75 11.49 11.49
C LYS A 255 1.28 10.19 10.87
N PRO A 256 0.40 9.43 10.24
CA PRO A 256 0.85 8.17 9.63
C PRO A 256 1.85 8.42 8.49
N HIS A 257 2.78 7.48 8.40
CA HIS A 257 3.82 7.46 7.39
C HIS A 257 3.58 6.24 6.49
N TYR A 258 3.38 6.57 5.21
CA TYR A 258 3.00 5.56 4.22
C TYR A 258 4.06 5.41 3.13
N LEU A 259 4.67 4.23 3.12
CA LEU A 259 5.53 3.78 2.04
C LEU A 259 4.83 3.11 0.86
N MET A 260 4.76 3.90 -0.23
CA MET A 260 3.97 3.46 -1.38
C MET A 260 4.73 2.40 -2.19
N GLY A 261 4.01 1.36 -2.53
CA GLY A 261 4.40 0.28 -3.40
C GLY A 261 5.45 -0.67 -2.84
N VAL A 262 5.62 -0.64 -1.52
CA VAL A 262 6.52 -1.55 -0.82
C VAL A 262 5.69 -2.51 0.03
N GLY A 263 5.94 -3.79 0.03
CA GLY A 263 6.84 -4.57 -0.75
C GLY A 263 6.98 -5.99 -0.22
N LYS A 264 8.19 -6.56 -0.36
CA LYS A 264 8.48 -7.90 0.11
C LYS A 264 8.43 -7.92 1.63
N PRO A 265 8.20 -9.07 2.24
CA PRO A 265 8.15 -9.15 3.71
C PRO A 265 9.36 -8.48 4.35
N ASP A 266 10.56 -8.74 3.83
CA ASP A 266 11.75 -8.17 4.49
C ASP A 266 11.83 -6.66 4.33
N ASP A 267 11.34 -6.13 3.21
CA ASP A 267 11.28 -4.67 3.08
C ASP A 267 10.32 -4.08 4.12
N ILE A 268 9.22 -4.79 4.33
CA ILE A 268 8.21 -4.28 5.27
C ILE A 268 8.79 -4.22 6.66
N VAL A 269 9.49 -5.26 7.13
CA VAL A 269 10.08 -5.25 8.45
C VAL A 269 11.08 -4.12 8.60
N GLY A 270 12.04 -4.01 7.67
CA GLY A 270 13.02 -2.93 7.75
C GLY A 270 12.43 -1.53 7.67
N ALA A 271 11.39 -1.33 6.86
CA ALA A 271 10.66 -0.06 6.76
C ALA A 271 9.99 0.30 8.08
N VAL A 272 9.37 -0.66 8.76
CA VAL A 272 8.72 -0.34 10.05
C VAL A 272 9.79 0.04 11.04
N GLU A 273 10.94 -0.63 11.01
CA GLU A 273 12.07 -0.29 11.87
C GLU A 273 12.54 1.14 11.64
N ARG A 274 12.20 1.72 10.49
CA ARG A 274 12.53 3.08 10.11
C ARG A 274 11.36 4.03 10.23
N GLY A 275 10.21 3.60 10.78
CA GLY A 275 9.15 4.57 11.01
C GLY A 275 7.93 4.54 10.13
N ILE A 276 7.82 3.57 9.25
CA ILE A 276 6.66 3.48 8.36
C ILE A 276 5.50 2.74 9.03
N ASP A 277 4.30 3.21 8.70
CA ASP A 277 3.06 2.78 9.31
C ASP A 277 2.11 2.10 8.33
N MET A 278 2.31 2.31 7.04
CA MET A 278 1.40 1.82 6.02
C MET A 278 2.16 1.40 4.76
N PHE A 279 1.60 0.35 4.18
CA PHE A 279 2.13 -0.32 3.01
C PHE A 279 1.05 -0.78 2.06
N ASP A 280 1.42 -0.71 0.78
CA ASP A 280 0.73 -1.45 -0.24
C ASP A 280 1.74 -2.01 -1.25
N CYS A 281 1.27 -3.10 -1.86
CA CYS A 281 2.05 -3.82 -2.85
CA CYS A 281 1.99 -3.67 -3.00
C CYS A 281 1.23 -4.83 -3.63
N VAL A 282 1.51 -5.03 -4.91
CA VAL A 282 0.85 -6.11 -5.62
C VAL A 282 1.58 -7.45 -5.48
N LEU A 283 2.71 -7.50 -4.78
CA LEU A 283 3.48 -8.74 -4.71
C LEU A 283 2.65 -9.94 -4.28
N PRO A 284 1.89 -9.91 -3.20
CA PRO A 284 1.24 -11.15 -2.75
C PRO A 284 0.09 -11.61 -3.64
N THR A 285 -0.69 -10.74 -4.25
CA THR A 285 -1.70 -11.14 -5.23
C THR A 285 -1.09 -11.55 -6.56
N ARG A 286 -0.37 -10.63 -7.19
CA ARG A 286 0.28 -10.89 -8.47
C ARG A 286 1.18 -12.13 -8.44
N SER A 287 2.17 -12.14 -7.55
CA SER A 287 3.08 -13.27 -7.49
C SER A 287 2.34 -14.50 -6.98
N GLY A 288 1.27 -14.31 -6.21
CA GLY A 288 0.49 -15.49 -5.87
C GLY A 288 -0.09 -16.16 -7.11
N ARG A 289 -0.70 -15.39 -8.02
CA ARG A 289 -1.25 -16.05 -9.20
C ARG A 289 -0.13 -16.60 -10.08
N ASN A 290 1.12 -16.17 -9.86
CA ASN A 290 2.21 -16.71 -10.67
C ASN A 290 2.90 -17.91 -10.03
N GLY A 291 2.39 -18.36 -8.87
CA GLY A 291 3.01 -19.56 -8.34
C GLY A 291 3.90 -19.37 -7.14
N GLN A 292 4.20 -18.14 -6.77
CA GLN A 292 5.02 -17.82 -5.60
C GLN A 292 4.19 -17.71 -4.32
N ALA A 293 4.53 -18.55 -3.36
CA ALA A 293 3.86 -18.59 -2.06
C ALA A 293 4.83 -18.12 -0.98
N PHE A 294 4.34 -17.24 -0.10
CA PHE A 294 5.17 -16.81 1.02
C PHE A 294 5.06 -17.78 2.19
N THR A 295 6.17 -18.07 2.84
CA THR A 295 6.38 -18.88 4.03
C THR A 295 7.38 -18.17 4.97
N TRP A 296 7.38 -18.44 6.27
CA TRP A 296 8.27 -17.90 7.29
C TRP A 296 9.71 -18.35 7.10
N ASP A 297 9.81 -19.38 6.31
CA ASP A 297 11.06 -19.90 5.78
C ASP A 297 11.38 -19.33 4.41
N GLY A 298 10.73 -18.27 3.99
CA GLY A 298 11.03 -17.63 2.72
C GLY A 298 10.07 -18.05 1.62
N PRO A 299 10.17 -17.46 0.45
CA PRO A 299 9.22 -17.75 -0.64
C PRO A 299 9.44 -19.09 -1.32
N ILE A 300 8.37 -19.76 -1.78
CA ILE A 300 8.52 -21.00 -2.54
C ILE A 300 7.81 -20.89 -3.89
N ASN A 301 8.27 -21.57 -4.94
CA ASN A 301 7.52 -21.57 -6.20
C ASN A 301 6.78 -22.91 -6.28
N ILE A 302 5.48 -22.78 -6.04
CA ILE A 302 4.71 -24.02 -5.92
C ILE A 302 4.62 -24.81 -7.21
N ARG A 303 4.89 -24.26 -8.39
CA ARG A 303 4.97 -25.00 -9.62
C ARG A 303 6.15 -25.97 -9.69
N ASN A 304 7.10 -25.85 -8.76
CA ASN A 304 8.29 -26.69 -8.82
C ASN A 304 7.94 -28.16 -8.54
N ALA A 305 8.63 -29.01 -9.29
CA ALA A 305 8.31 -30.44 -9.27
C ALA A 305 8.45 -31.04 -7.89
N ARG A 306 9.31 -30.48 -7.03
CA ARG A 306 9.47 -30.94 -5.67
C ARG A 306 8.19 -30.89 -4.83
N PHE A 307 7.12 -30.27 -5.32
CA PHE A 307 5.88 -30.23 -4.54
C PHE A 307 4.79 -31.16 -5.06
N SER A 308 5.02 -31.88 -6.15
CA SER A 308 3.96 -32.64 -6.81
C SER A 308 3.28 -33.63 -5.87
N GLU A 309 4.00 -34.09 -4.83
CA GLU A 309 3.39 -35.06 -3.91
C GLU A 309 3.59 -34.60 -2.48
N ASP A 310 3.76 -33.29 -2.30
CA ASP A 310 3.99 -32.69 -0.98
C ASP A 310 2.66 -32.44 -0.29
N LEU A 311 2.37 -33.23 0.75
CA LEU A 311 1.08 -33.15 1.43
C LEU A 311 1.06 -32.05 2.46
N LYS A 312 2.18 -31.35 2.67
CA LYS A 312 2.18 -30.28 3.67
C LYS A 312 1.42 -29.06 3.17
N PRO A 313 0.88 -28.26 4.07
CA PRO A 313 0.29 -26.97 3.67
C PRO A 313 1.37 -26.05 3.10
N LEU A 314 0.93 -24.96 2.47
CA LEU A 314 1.88 -24.00 1.89
C LEU A 314 2.88 -23.55 2.96
N ASP A 315 2.37 -23.28 4.17
CA ASP A 315 3.29 -22.89 5.25
C ASP A 315 2.88 -23.59 6.54
N SER A 316 3.90 -23.99 7.29
CA SER A 316 3.87 -24.88 8.42
C SER A 316 3.04 -24.33 9.56
N GLU A 317 2.95 -23.01 9.60
CA GLU A 317 2.27 -22.43 10.76
C GLU A 317 1.08 -21.56 10.39
N CYS A 318 0.94 -21.24 9.11
CA CYS A 318 -0.13 -20.38 8.65
C CYS A 318 -1.51 -20.82 9.13
N HIS A 319 -2.29 -19.86 9.63
CA HIS A 319 -3.62 -20.14 10.16
C HIS A 319 -4.69 -19.88 9.10
N CYS A 320 -4.29 -19.63 7.86
CA CYS A 320 -5.33 -19.41 6.84
C CYS A 320 -6.08 -20.68 6.49
N ALA A 321 -7.28 -20.46 5.94
CA ALA A 321 -8.20 -21.49 5.52
C ALA A 321 -7.55 -22.41 4.48
N VAL A 322 -6.76 -21.75 3.62
CA VAL A 322 -6.09 -22.50 2.58
C VAL A 322 -5.14 -23.53 3.22
N CYS A 323 -4.29 -23.05 4.14
CA CYS A 323 -3.39 -23.99 4.77
C CYS A 323 -4.10 -24.96 5.68
N GLN A 324 -5.33 -24.64 6.06
CA GLN A 324 -6.06 -25.55 6.92
C GLN A 324 -6.57 -26.76 6.13
N LYS A 325 -6.89 -26.59 4.87
CA LYS A 325 -7.67 -27.44 4.00
C LYS A 325 -6.90 -28.08 2.86
N TRP A 326 -5.93 -27.41 2.22
CA TRP A 326 -5.37 -28.04 1.01
C TRP A 326 -3.86 -28.22 1.10
N SER A 327 -3.32 -29.13 0.29
CA SER A 327 -1.88 -29.37 0.28
C SER A 327 -1.20 -28.62 -0.85
N ARG A 328 0.11 -28.50 -0.64
CA ARG A 328 1.02 -28.07 -1.68
C ARG A 328 0.79 -28.85 -2.97
N ALA A 329 0.61 -30.18 -2.81
CA ALA A 329 0.51 -30.98 -4.03
C ALA A 329 -0.71 -30.62 -4.85
N TYR A 330 -1.83 -30.38 -4.16
CA TYR A 330 -3.07 -30.00 -4.83
C TYR A 330 -2.88 -28.64 -5.50
N ILE A 331 -2.29 -27.70 -4.75
CA ILE A 331 -2.23 -26.33 -5.26
C ILE A 331 -1.22 -26.30 -6.42
N HIS A 332 -0.21 -27.15 -6.28
CA HIS A 332 0.73 -27.40 -7.37
C HIS A 332 -0.03 -27.82 -8.62
N HIS A 333 -0.88 -28.82 -8.49
CA HIS A 333 -1.62 -29.30 -9.65
C HIS A 333 -2.49 -28.23 -10.29
N LEU A 334 -3.28 -27.53 -9.46
CA LEU A 334 -4.12 -26.45 -9.93
C LEU A 334 -3.37 -25.36 -10.67
N ILE A 335 -2.21 -24.96 -10.12
CA ILE A 335 -1.53 -23.88 -10.84
C ILE A 335 -0.94 -24.39 -12.14
N ARG A 336 -0.40 -25.60 -12.10
CA ARG A 336 0.17 -26.11 -13.35
C ARG A 336 -0.90 -26.24 -14.41
N ALA A 337 -2.12 -26.49 -13.93
CA ALA A 337 -3.21 -26.69 -14.89
C ALA A 337 -3.87 -25.37 -15.27
N GLY A 338 -3.36 -24.27 -14.75
CA GLY A 338 -3.98 -22.98 -14.98
C GLY A 338 -5.41 -22.93 -14.50
N GLU A 339 -5.71 -23.61 -13.40
CA GLU A 339 -7.07 -23.56 -12.87
C GLU A 339 -7.27 -22.33 -12.02
N ILE A 340 -8.44 -21.72 -12.18
CA ILE A 340 -8.79 -20.51 -11.41
C ILE A 340 -8.70 -20.77 -9.91
N LEU A 341 -9.16 -21.93 -9.42
CA LEU A 341 -9.04 -22.19 -7.98
C LEU A 341 -7.59 -22.05 -7.54
N GLY A 342 -6.61 -22.36 -8.40
CA GLY A 342 -5.22 -22.18 -7.99
C GLY A 342 -4.86 -20.75 -7.66
N ALA A 343 -5.27 -19.82 -8.51
CA ALA A 343 -5.09 -18.40 -8.25
C ALA A 343 -5.80 -17.99 -6.96
N MET A 344 -7.03 -18.45 -6.81
CA MET A 344 -7.83 -18.13 -5.63
C MET A 344 -7.10 -18.53 -4.37
N LEU A 345 -6.71 -19.79 -4.27
CA LEU A 345 -6.08 -20.26 -3.05
C LEU A 345 -4.69 -19.67 -2.81
N MET A 346 -3.86 -19.53 -3.85
CA MET A 346 -2.55 -18.90 -3.74
C MET A 346 -2.72 -17.48 -3.22
N THR A 347 -3.68 -16.76 -3.80
CA THR A 347 -3.86 -15.36 -3.40
C THR A 347 -4.40 -15.21 -1.98
N GLU A 348 -5.26 -16.13 -1.56
CA GLU A 348 -5.79 -16.06 -0.21
C GLU A 348 -4.69 -16.33 0.81
N HIS A 349 -3.88 -17.35 0.53
CA HIS A 349 -2.77 -17.63 1.42
C HIS A 349 -1.83 -16.44 1.54
N ASN A 350 -1.42 -15.90 0.39
CA ASN A 350 -0.37 -14.88 0.40
C ASN A 350 -0.83 -13.60 1.14
N ILE A 351 -2.06 -13.19 0.88
CA ILE A 351 -2.61 -12.06 1.62
C ILE A 351 -2.77 -12.40 3.09
N ALA A 352 -3.09 -13.66 3.40
CA ALA A 352 -3.23 -13.99 4.82
C ALA A 352 -1.87 -13.91 5.49
N PHE A 353 -0.87 -14.45 4.80
CA PHE A 353 0.51 -14.36 5.26
C PHE A 353 0.93 -12.93 5.54
N TYR A 354 0.78 -12.00 4.61
CA TYR A 354 1.09 -10.59 4.81
C TYR A 354 0.38 -10.02 6.03
N GLN A 355 -0.91 -10.31 6.20
CA GLN A 355 -1.65 -9.81 7.35
C GLN A 355 -1.10 -10.39 8.66
N GLN A 356 -0.67 -11.65 8.65
CA GLN A 356 -0.12 -12.25 9.86
C GLN A 356 1.24 -11.68 10.24
N LEU A 357 2.02 -11.38 9.20
CA LEU A 357 3.26 -10.64 9.41
C LEU A 357 2.96 -9.29 10.08
N MET A 358 1.95 -8.62 9.56
CA MET A 358 1.62 -7.31 10.12
C MET A 358 1.20 -7.47 11.58
N GLN A 359 0.44 -8.51 11.92
CA GLN A 359 0.01 -8.71 13.30
C GLN A 359 1.17 -9.00 14.23
N LYS A 360 2.13 -9.77 13.74
CA LYS A 360 3.32 -10.09 14.52
C LYS A 360 4.17 -8.83 14.74
N ILE A 361 4.27 -7.90 13.79
CA ILE A 361 4.97 -6.63 13.95
C ILE A 361 4.30 -5.73 14.98
N ARG A 362 2.98 -5.61 14.90
CA ARG A 362 2.13 -4.86 15.82
C ARG A 362 2.27 -5.39 17.24
N ASP A 363 2.11 -6.71 17.40
CA ASP A 363 2.21 -7.36 18.69
C ASP A 363 3.59 -7.19 19.30
N SER A 364 4.61 -7.38 18.47
CA SER A 364 5.99 -7.29 18.96
C SER A 364 6.35 -5.86 19.36
N ILE A 365 5.96 -4.83 18.63
CA ILE A 365 6.16 -3.45 19.07
C ILE A 365 5.36 -3.23 20.34
N SER A 366 4.10 -3.67 20.43
CA SER A 366 3.32 -3.43 21.64
C SER A 366 4.00 -4.00 22.88
N GLU A 367 4.84 -5.00 22.70
CA GLU A 367 5.50 -5.64 23.83
C GLU A 367 6.96 -5.28 23.99
N GLY A 368 7.49 -4.31 23.24
CA GLY A 368 8.91 -3.98 23.32
C GLY A 368 9.85 -5.12 22.94
N ARG A 369 9.51 -5.92 21.94
CA ARG A 369 10.37 -7.01 21.46
C ARG A 369 10.38 -7.03 19.94
N PHE A 370 10.08 -5.90 19.29
CA PHE A 370 10.12 -5.87 17.83
C PHE A 370 11.52 -6.03 17.28
N SER A 371 12.56 -5.48 17.90
CA SER A 371 13.91 -5.64 17.37
C SER A 371 14.34 -7.10 17.41
N GLN A 372 13.95 -7.80 18.48
CA GLN A 372 14.19 -9.23 18.52
C GLN A 372 13.39 -9.95 17.42
N PHE A 373 12.12 -9.56 17.26
CA PHE A 373 11.31 -10.15 16.20
C PHE A 373 11.97 -9.91 14.84
N ALA A 374 12.40 -8.69 14.55
CA ALA A 374 12.94 -8.46 13.20
C ALA A 374 14.18 -9.30 12.94
N GLN A 375 14.99 -9.46 13.97
CA GLN A 375 16.21 -10.27 13.85
C GLN A 375 15.86 -11.74 13.60
N ASP A 376 14.97 -12.29 14.42
CA ASP A 376 14.50 -13.65 14.30
C ASP A 376 13.82 -13.91 12.95
N PHE A 377 12.99 -12.99 12.49
CA PHE A 377 12.30 -13.16 11.22
C PHE A 377 13.27 -13.37 10.08
N ARG A 378 14.25 -12.46 10.09
CA ARG A 378 15.23 -12.48 9.02
C ARG A 378 16.04 -13.76 9.00
N ALA A 379 16.49 -14.15 10.19
CA ALA A 379 17.38 -15.32 10.24
C ALA A 379 16.66 -16.52 9.66
N ARG A 380 15.37 -16.65 9.98
CA ARG A 380 14.61 -17.78 9.47
C ARG A 380 14.25 -17.55 8.01
N TYR A 381 13.75 -16.37 7.69
CA TYR A 381 13.23 -16.14 6.35
C TYR A 381 14.32 -16.36 5.31
N PHE A 382 15.54 -16.03 5.71
CA PHE A 382 16.65 -16.16 4.76
C PHE A 382 17.48 -17.42 5.00
N ALA A 383 17.10 -18.26 5.96
CA ALA A 383 17.74 -19.56 6.12
C ALA A 383 17.53 -20.45 4.89
ZN ZN B . -1.82 -20.17 4.60
N1 PQ0 C . 3.59 8.34 -6.21
C2 PQ0 C . 2.15 7.89 -6.44
N3 PQ0 C . 2.16 6.24 -5.97
C4 PQ0 C . 3.35 5.24 -6.03
C5 PQ0 C . 4.46 5.73 -6.04
C6 PQ0 C . 4.44 7.19 -6.22
O6 PQ0 C . 5.73 7.91 -5.86
C7 PQ0 C . 5.20 4.47 -5.88
C10 PQ0 C . 6.46 4.70 -6.12
N11 PQ0 C . 7.88 4.74 -6.02
C8 PQ0 C . 4.45 3.24 -6.00
N9 PQ0 C . 3.12 3.99 -5.87
N2 PQ0 C . 0.95 8.34 -6.39
C1 GOL D . -16.41 -7.27 3.16
O1 GOL D . -17.42 -8.22 2.81
C2 GOL D . -17.00 -6.16 4.03
O2 GOL D . -17.62 -5.19 3.18
C3 GOL D . -15.87 -5.49 4.83
O3 GOL D . -16.18 -5.51 6.23
C1 GOL E . -0.24 -0.61 -6.52
O1 GOL E . -1.32 -0.81 -7.45
C2 GOL E . -0.15 0.87 -6.14
O2 GOL E . -0.35 1.67 -7.29
C3 GOL E . 1.22 1.16 -5.53
O3 GOL E . 1.14 2.30 -4.69
C1 GOL F . -17.01 11.99 -0.32
O1 GOL F . -15.67 12.34 -0.67
C2 GOL F . -16.96 10.93 0.77
O2 GOL F . -18.23 10.28 0.86
C3 GOL F . -15.86 9.92 0.43
O3 GOL F . -16.02 8.74 1.21
C1 GOL G . 8.98 -14.94 12.73
O1 GOL G . 10.00 -15.89 12.39
C2 GOL G . 7.65 -15.66 12.95
O2 GOL G . 6.69 -15.25 11.97
C3 GOL G . 7.87 -17.18 12.84
O3 GOL G . 6.67 -17.86 13.26
C1 GOL H . 14.33 -1.47 16.45
O1 GOL H . 15.07 -1.66 15.24
C2 GOL H . 13.25 -0.41 16.27
O2 GOL H . 11.96 -0.99 16.37
C3 GOL H . 13.41 0.26 14.90
O3 GOL H . 13.95 1.57 15.08
C1 GOL I . 8.55 17.47 12.72
O1 GOL I . 7.36 17.89 12.04
C2 GOL I . 8.60 15.95 12.76
O2 GOL I . 9.91 15.49 12.43
C3 GOL I . 8.24 15.46 14.16
O3 GOL I . 6.86 15.75 14.43
#